data_4WGH
#
_entry.id   4WGH
#
_cell.length_a   99.483
_cell.length_b   99.483
_cell.length_c   55.181
_cell.angle_alpha   90.000
_cell.angle_beta   90.000
_cell.angle_gamma   120.000
#
_symmetry.space_group_name_H-M   'P 62'
#
loop_
_entity.id
_entity.type
_entity.pdbx_description
1 polymer 'Aldehyde reductase'
2 non-polymer 'NADP NICOTINAMIDE-ADENINE-DINUCLEOTIDE PHOSPHATE'
3 non-polymer 'ACETATE ION'
4 water water
#
_entity_poly.entity_id   1
_entity_poly.type   'polypeptide(L)'
_entity_poly.pdbx_seq_one_letter_code
;(MSE)HHHHHHSSGVDLGTENLYFQS(MSE)VKKTVRFGEQAAVPAIGLGTWY(MSE)GEHAAQRQQEVAALRAGIDHGL
TVIDTAE(MSE)YADGGAEEVVGQAIRGLRDRVVLVSKVYPWHAGKAA(MSE)HRACENSLRRLQTDYLD(MSE)YLLHW
RGDIPLQETVEA(MSE)EKLVAEGKIRRWGVSNLDTED(MSE)QALWRTADGEHCATNQVLYHLASRGIEYDLLPWCQQH
SLPV(MSE)AYCPLAQAGRLRDGLFQHSDIIN(MSE)ANARGITVAQLLLAWVIRHPGVLAIPKAASIEHVVQNAAALDI
VLSGEELAQLDRLYPPPQRKNRLD(MSE)V
;
_entity_poly.pdbx_strand_id   A
#
# COMPACT_ATOMS: atom_id res chain seq x y z
N VAL A 24 10.53 -17.38 -8.72
CA VAL A 24 10.53 -15.93 -8.74
C VAL A 24 10.15 -15.36 -7.38
N LYS A 25 11.02 -14.58 -6.77
CA LYS A 25 10.80 -14.09 -5.43
C LYS A 25 9.69 -13.04 -5.36
N LYS A 26 8.75 -13.23 -4.44
CA LYS A 26 7.64 -12.34 -4.30
C LYS A 26 8.01 -11.24 -3.35
N THR A 27 9.00 -10.48 -3.73
CA THR A 27 9.41 -9.32 -2.95
C THR A 27 9.47 -8.11 -3.86
N VAL A 28 9.66 -6.98 -3.23
CA VAL A 28 9.73 -5.70 -3.88
C VAL A 28 10.83 -4.89 -3.22
N ARG A 29 11.65 -4.22 -4.02
CA ARG A 29 12.66 -3.27 -3.50
C ARG A 29 11.88 -2.04 -3.11
N PHE A 30 12.03 -1.59 -1.89
CA PHE A 30 11.08 -0.57 -1.35
C PHE A 30 11.83 0.38 -0.40
N GLY A 31 12.13 1.58 -0.89
CA GLY A 31 12.87 2.56 -0.09
C GLY A 31 14.26 2.02 0.20
N GLU A 32 14.65 2.06 1.46
CA GLU A 32 15.98 1.59 1.81
CA GLU A 32 15.93 1.59 1.99
C GLU A 32 16.00 0.08 2.06
N GLN A 33 14.84 -0.58 1.93
CA GLN A 33 14.74 -2.04 2.07
C GLN A 33 15.03 -2.71 0.72
N ALA A 34 16.01 -3.62 0.69
CA ALA A 34 16.36 -4.32 -0.55
C ALA A 34 15.21 -5.19 -1.00
N ALA A 35 14.47 -5.76 -0.06
CA ALA A 35 13.41 -6.72 -0.40
C ALA A 35 12.39 -6.79 0.73
N VAL A 36 11.18 -6.31 0.49
CA VAL A 36 10.09 -6.55 1.39
C VAL A 36 9.11 -7.52 0.74
N PRO A 37 8.40 -8.29 1.54
CA PRO A 37 7.39 -9.14 0.95
C PRO A 37 6.37 -8.32 0.20
N ALA A 38 5.86 -8.88 -0.89
CA ALA A 38 5.00 -8.09 -1.76
C ALA A 38 3.53 -7.92 -1.27
N ILE A 39 3.21 -8.51 -0.14
CA ILE A 39 1.93 -8.25 0.51
C ILE A 39 2.20 -7.66 1.87
N GLY A 40 1.55 -6.54 2.18
CA GLY A 40 1.67 -5.84 3.44
C GLY A 40 0.31 -5.72 4.11
N LEU A 41 0.24 -4.86 5.12
CA LEU A 41 -0.93 -4.78 5.98
C LEU A 41 -1.53 -3.37 5.95
N GLY A 42 -2.77 -3.23 5.47
CA GLY A 42 -3.48 -1.96 5.53
C GLY A 42 -4.16 -1.77 6.88
N THR A 43 -4.50 -0.52 7.18
CA THR A 43 -5.08 -0.15 8.46
C THR A 43 -6.28 0.78 8.38
N TRP A 44 -6.76 1.10 7.18
CA TRP A 44 -7.93 1.95 7.04
C TRP A 44 -9.10 1.17 7.65
N TYR A 45 -9.85 1.83 8.51
CA TYR A 45 -10.99 1.29 9.27
C TYR A 45 -10.54 0.63 10.56
N GLY A 47 -8.95 1.35 14.33
CA GLY A 47 -8.83 2.41 15.28
C GLY A 47 -10.04 3.29 15.49
N GLU A 48 -11.12 2.99 14.80
CA GLU A 48 -12.40 3.66 15.01
C GLU A 48 -13.12 3.31 16.32
N HIS A 49 -13.17 2.05 16.66
CA HIS A 49 -13.92 1.62 17.81
C HIS A 49 -13.05 0.98 18.88
N ALA A 50 -13.12 1.51 20.07
CA ALA A 50 -12.33 1.01 21.22
C ALA A 50 -12.56 -0.48 21.46
N ALA A 51 -13.77 -0.95 21.22
CA ALA A 51 -14.09 -2.34 21.46
C ALA A 51 -13.36 -3.28 20.56
N GLN A 52 -12.86 -2.78 19.44
CA GLN A 52 -12.16 -3.60 18.50
C GLN A 52 -10.67 -3.45 18.56
N ARG A 53 -10.14 -2.67 19.48
CA ARG A 53 -8.73 -2.40 19.46
C ARG A 53 -7.90 -3.66 19.62
N GLN A 54 -8.27 -4.54 20.54
CA GLN A 54 -7.47 -5.72 20.75
C GLN A 54 -7.46 -6.64 19.55
N GLN A 55 -8.60 -6.77 18.93
CA GLN A 55 -8.71 -7.60 17.72
C GLN A 55 -7.80 -7.04 16.60
N GLU A 56 -7.77 -5.72 16.46
CA GLU A 56 -6.99 -5.07 15.43
C GLU A 56 -5.49 -5.23 15.68
N VAL A 57 -5.09 -5.00 16.92
CA VAL A 57 -3.71 -5.22 17.34
C VAL A 57 -3.27 -6.63 17.04
N ALA A 58 -4.13 -7.59 17.38
CA ALA A 58 -3.85 -9.01 17.07
C ALA A 58 -3.75 -9.33 15.60
N ALA A 59 -4.62 -8.74 14.77
CA ALA A 59 -4.54 -9.00 13.35
C ALA A 59 -3.24 -8.48 12.79
N LEU A 60 -2.79 -7.30 13.24
CA LEU A 60 -1.51 -6.80 12.78
C LEU A 60 -0.34 -7.68 13.21
N ARG A 61 -0.37 -8.09 14.47
CA ARG A 61 0.72 -8.93 15.01
C ARG A 61 0.73 -10.27 14.27
N ALA A 62 -0.45 -10.80 13.95
CA ALA A 62 -0.55 -12.03 13.14
C ALA A 62 0.14 -11.88 11.80
N GLY A 63 -0.10 -10.75 11.15
CA GLY A 63 0.57 -10.46 9.87
C GLY A 63 2.09 -10.46 10.00
N ILE A 64 2.59 -9.76 11.02
CA ILE A 64 4.04 -9.72 11.26
C ILE A 64 4.57 -11.11 11.52
N ASP A 65 3.82 -11.89 12.30
CA ASP A 65 4.21 -13.25 12.61
C ASP A 65 4.25 -14.14 11.39
N HIS A 66 3.46 -13.81 10.37
CA HIS A 66 3.48 -14.50 9.08
C HIS A 66 4.39 -13.84 8.05
N GLY A 67 5.22 -12.92 8.48
CA GLY A 67 6.24 -12.41 7.57
C GLY A 67 5.86 -11.24 6.70
N LEU A 68 4.66 -10.67 6.92
CA LEU A 68 4.30 -9.46 6.22
C LEU A 68 4.86 -8.28 7.00
N THR A 69 5.73 -7.48 6.43
CA THR A 69 6.44 -6.51 7.23
C THR A 69 6.02 -5.07 6.97
N VAL A 70 5.42 -4.80 5.82
CA VAL A 70 5.02 -3.46 5.47
C VAL A 70 3.65 -3.14 6.08
N ILE A 71 3.58 -2.07 6.87
CA ILE A 71 2.32 -1.64 7.49
C ILE A 71 2.01 -0.25 6.99
N ASP A 72 0.82 -0.08 6.42
CA ASP A 72 0.43 1.17 5.80
C ASP A 72 -0.63 1.87 6.63
N THR A 73 -0.36 3.10 7.02
CA THR A 73 -1.31 3.86 7.82
C THR A 73 -1.29 5.35 7.36
N ALA A 74 -1.96 6.22 8.08
CA ALA A 74 -2.06 7.64 7.70
C ALA A 74 -2.54 8.43 8.90
N GLU A 75 -2.18 9.71 8.98
CA GLU A 75 -2.73 10.53 10.06
C GLU A 75 -4.25 10.59 9.92
N TYR A 77 -6.47 8.25 9.35
CA TYR A 77 -7.26 7.06 9.62
C TYR A 77 -7.70 7.03 11.05
N ALA A 78 -9.01 7.15 11.23
CA ALA A 78 -9.62 7.35 12.55
C ALA A 78 -9.00 8.53 13.28
N ASP A 79 -8.61 9.58 12.57
CA ASP A 79 -7.95 10.77 13.16
C ASP A 79 -6.84 10.43 14.14
N GLY A 80 -5.96 9.54 13.75
CA GLY A 80 -4.87 9.14 14.60
C GLY A 80 -5.08 7.78 15.17
N GLY A 81 -6.32 7.31 15.19
CA GLY A 81 -6.60 6.08 15.89
C GLY A 81 -5.89 4.87 15.36
N ALA A 82 -5.77 4.79 14.04
CA ALA A 82 -5.17 3.62 13.41
C ALA A 82 -3.68 3.62 13.72
N GLU A 83 -3.09 4.79 13.69
CA GLU A 83 -1.71 4.91 14.10
C GLU A 83 -1.49 4.45 15.53
N GLU A 84 -2.41 4.75 16.45
CA GLU A 84 -2.21 4.31 17.85
C GLU A 84 -2.31 2.77 17.95
N VAL A 85 -3.23 2.20 17.19
CA VAL A 85 -3.31 0.74 17.09
C VAL A 85 -2.01 0.15 16.58
N VAL A 86 -1.48 0.70 15.49
CA VAL A 86 -0.21 0.21 14.95
C VAL A 86 0.87 0.31 16.03
N GLY A 87 0.93 1.46 16.71
CA GLY A 87 1.98 1.65 17.71
C GLY A 87 1.93 0.60 18.81
N GLN A 88 0.73 0.23 19.22
CA GLN A 88 0.58 -0.82 20.19
C GLN A 88 1.02 -2.19 19.61
N ALA A 89 0.58 -2.48 18.38
CA ALA A 89 0.91 -3.72 17.76
C ALA A 89 2.42 -3.95 17.59
N ILE A 90 3.16 -2.87 17.31
CA ILE A 90 4.55 -3.01 16.96
C ILE A 90 5.47 -2.78 18.13
N ARG A 91 4.93 -2.57 19.33
CA ARG A 91 5.78 -2.35 20.52
C ARG A 91 6.75 -3.52 20.70
N GLY A 92 8.02 -3.18 20.76
CA GLY A 92 9.06 -4.18 20.90
C GLY A 92 9.47 -4.92 19.64
N LEU A 93 8.82 -4.58 18.53
CA LEU A 93 9.01 -5.23 17.24
C LEU A 93 9.42 -4.23 16.16
N ARG A 94 9.90 -3.04 16.53
CA ARG A 94 10.07 -1.97 15.54
C ARG A 94 11.01 -2.38 14.42
N ASP A 95 12.06 -3.09 14.75
CA ASP A 95 13.02 -3.47 13.74
C ASP A 95 12.49 -4.58 12.82
N ARG A 96 11.33 -5.15 13.11
CA ARG A 96 10.81 -6.20 12.25
C ARG A 96 9.88 -5.66 11.17
N VAL A 97 9.51 -4.41 11.28
CA VAL A 97 8.43 -3.85 10.45
C VAL A 97 8.91 -2.67 9.63
N VAL A 98 8.20 -2.45 8.55
CA VAL A 98 8.48 -1.38 7.61
C VAL A 98 7.24 -0.50 7.64
N LEU A 99 7.36 0.60 8.36
CA LEU A 99 6.25 1.52 8.63
CA LEU A 99 6.28 1.50 8.64
C LEU A 99 6.10 2.62 7.61
N VAL A 100 4.89 2.73 7.04
CA VAL A 100 4.53 3.69 6.04
C VAL A 100 3.35 4.48 6.66
N SER A 101 3.53 5.80 6.77
CA SER A 101 2.39 6.67 7.03
C SER A 101 2.31 7.78 5.99
N LYS A 102 1.36 8.67 6.19
CA LYS A 102 0.99 9.68 5.21
C LYS A 102 0.62 10.98 5.89
N VAL A 103 0.83 12.06 5.13
CA VAL A 103 0.55 13.40 5.56
C VAL A 103 -0.51 14.03 4.67
N TYR A 104 -1.50 14.68 5.28
CA TYR A 104 -2.48 15.42 4.52
C TYR A 104 -1.76 16.49 3.67
N PRO A 105 -2.20 16.72 2.42
CA PRO A 105 -1.48 17.69 1.63
C PRO A 105 -1.48 19.11 2.23
N TRP A 106 -2.50 19.48 2.97
CA TRP A 106 -2.50 20.78 3.61
C TRP A 106 -1.47 20.92 4.72
N HIS A 107 -0.92 19.82 5.21
CA HIS A 107 0.23 19.86 6.13
C HIS A 107 1.60 19.73 5.47
N ALA A 108 1.64 19.54 4.16
CA ALA A 108 2.85 19.05 3.49
C ALA A 108 3.75 20.18 2.97
N GLY A 109 3.95 21.17 3.82
CA GLY A 109 4.65 22.38 3.43
C GLY A 109 5.63 22.70 4.50
N LYS A 110 6.38 23.78 4.30
CA LYS A 110 7.50 24.17 5.13
C LYS A 110 7.04 24.31 6.56
N ALA A 111 5.98 25.08 6.77
CA ALA A 111 5.45 25.32 8.12
C ALA A 111 5.03 24.07 8.90
N ALA A 112 4.21 23.25 8.28
CA ALA A 112 3.39 22.32 9.03
C ALA A 112 3.89 20.86 8.99
N HIS A 114 6.63 19.25 9.83
CA HIS A 114 7.28 18.67 10.98
C HIS A 114 6.29 18.26 12.03
N ARG A 115 5.31 19.11 12.29
CA ARG A 115 4.32 18.80 13.27
C ARG A 115 3.48 17.59 12.89
N ALA A 116 3.13 17.49 11.62
CA ALA A 116 2.36 16.30 11.21
C ALA A 116 3.17 15.03 11.44
N CYS A 117 4.44 15.11 11.06
CA CYS A 117 5.27 13.95 11.17
C CYS A 117 5.46 13.60 12.64
N GLU A 118 5.74 14.60 13.49
CA GLU A 118 6.00 14.38 14.93
C GLU A 118 4.77 13.81 15.60
N ASN A 119 3.60 14.26 15.21
CA ASN A 119 2.36 13.73 15.82
C ASN A 119 2.14 12.26 15.44
N SER A 120 2.43 11.91 14.19
CA SER A 120 2.39 10.52 13.74
C SER A 120 3.38 9.68 14.53
N LEU A 121 4.59 10.18 14.73
CA LEU A 121 5.60 9.40 15.43
C LEU A 121 5.18 9.16 16.90
N ARG A 122 4.61 10.17 17.54
CA ARG A 122 4.07 10.06 18.93
C ARG A 122 3.02 8.94 18.96
N ARG A 123 2.08 8.98 18.04
CA ARG A 123 1.01 7.95 18.06
C ARG A 123 1.55 6.54 17.78
N LEU A 124 2.49 6.43 16.87
CA LEU A 124 3.14 5.14 16.58
C LEU A 124 4.17 4.75 17.63
N GLN A 125 4.51 5.68 18.52
CA GLN A 125 5.55 5.54 19.55
CA GLN A 125 5.50 5.40 19.57
C GLN A 125 6.83 4.92 18.97
N THR A 126 7.26 5.52 17.88
CA THR A 126 8.52 5.21 17.26
C THR A 126 9.17 6.53 16.86
N ASP A 127 10.47 6.54 16.69
CA ASP A 127 11.20 7.75 16.38
C ASP A 127 11.43 7.98 14.90
N TYR A 128 11.00 7.06 14.02
CA TYR A 128 11.15 7.26 12.60
C TYR A 128 10.14 6.41 11.84
N LEU A 129 9.89 6.85 10.62
CA LEU A 129 9.10 6.11 9.65
C LEU A 129 10.05 5.55 8.59
N ASP A 130 9.77 4.35 8.07
CA ASP A 130 10.48 3.90 6.89
C ASP A 130 10.10 4.65 5.59
N TYR A 132 7.22 7.90 4.18
CA TYR A 132 6.19 8.91 4.46
C TYR A 132 5.71 9.44 3.18
N LEU A 133 4.38 9.40 2.97
CA LEU A 133 3.75 9.72 1.70
C LEU A 133 2.88 10.97 1.73
N LEU A 134 3.02 11.76 0.71
CA LEU A 134 2.02 12.78 0.45
C LEU A 134 0.75 12.04 0.12
N HIS A 135 -0.31 12.28 0.86
CA HIS A 135 -1.50 11.45 0.76
C HIS A 135 -2.25 11.64 -0.56
N TRP A 136 -2.26 12.86 -1.04
CA TRP A 136 -2.69 13.19 -2.38
C TRP A 136 -2.17 14.57 -2.72
N ARG A 137 -2.36 15.02 -3.96
CA ARG A 137 -1.80 16.30 -4.35
C ARG A 137 -2.81 17.42 -4.05
N GLY A 138 -2.42 18.36 -3.21
CA GLY A 138 -3.18 19.54 -2.96
C GLY A 138 -2.60 20.76 -3.66
N ASP A 139 -2.64 21.90 -2.97
CA ASP A 139 -2.28 23.18 -3.59
C ASP A 139 -0.84 23.59 -3.32
N ILE A 140 -0.18 23.00 -2.35
CA ILE A 140 1.22 23.37 -2.13
C ILE A 140 2.08 22.99 -3.34
N PRO A 141 2.98 23.89 -3.78
CA PRO A 141 3.80 23.46 -4.91
C PRO A 141 4.66 22.22 -4.53
N LEU A 142 4.81 21.34 -5.50
CA LEU A 142 5.49 20.09 -5.25
C LEU A 142 6.90 20.36 -4.75
N GLN A 143 7.54 21.41 -5.27
CA GLN A 143 8.94 21.69 -4.87
C GLN A 143 9.01 21.89 -3.36
N GLU A 144 8.01 22.57 -2.80
CA GLU A 144 8.03 22.86 -1.38
C GLU A 144 7.76 21.60 -0.54
N THR A 145 6.84 20.75 -0.97
CA THR A 145 6.66 19.47 -0.33
C THR A 145 7.92 18.58 -0.39
N VAL A 146 8.57 18.54 -1.54
CA VAL A 146 9.82 17.79 -1.68
C VAL A 146 10.88 18.29 -0.73
N GLU A 147 11.05 19.61 -0.65
CA GLU A 147 12.03 20.20 0.28
C GLU A 147 11.72 19.85 1.72
N ALA A 148 10.46 19.84 2.06
CA ALA A 148 10.05 19.50 3.40
C ALA A 148 10.32 18.03 3.71
N GLU A 150 12.56 16.21 2.25
CA GLU A 150 14.02 16.04 2.29
C GLU A 150 14.59 16.46 3.63
N LYS A 151 14.00 17.46 4.25
CA LYS A 151 14.39 17.90 5.59
C LYS A 151 14.10 16.82 6.64
N LEU A 152 12.94 16.18 6.57
CA LEU A 152 12.68 15.05 7.45
C LEU A 152 13.64 13.91 7.25
N VAL A 153 14.05 13.65 6.00
CA VAL A 153 15.06 12.63 5.73
C VAL A 153 16.40 13.04 6.37
N ALA A 154 16.82 14.27 6.16
CA ALA A 154 18.08 14.72 6.78
C ALA A 154 18.03 14.67 8.29
N GLU A 155 16.90 14.96 8.91
CA GLU A 155 16.78 14.89 10.36
C GLU A 155 16.71 13.48 10.90
N GLY A 156 16.48 12.50 10.05
CA GLY A 156 16.33 11.12 10.48
C GLY A 156 14.91 10.73 10.91
N LYS A 157 13.90 11.57 10.65
CA LYS A 157 12.55 11.25 11.06
C LYS A 157 11.86 10.32 10.11
N ILE A 158 12.28 10.36 8.84
CA ILE A 158 11.76 9.42 7.86
C ILE A 158 13.01 8.92 7.09
N ARG A 159 12.98 7.66 6.68
CA ARG A 159 14.09 7.14 5.88
C ARG A 159 13.96 7.51 4.37
N ARG A 160 12.73 7.52 3.87
CA ARG A 160 12.42 7.85 2.52
C ARG A 160 11.03 8.44 2.47
N TRP A 161 10.78 9.20 1.42
CA TRP A 161 9.43 9.72 1.14
C TRP A 161 8.90 9.19 -0.19
N GLY A 162 7.57 9.25 -0.31
CA GLY A 162 6.92 8.94 -1.57
C GLY A 162 5.60 9.67 -1.63
N VAL A 163 4.74 9.22 -2.53
CA VAL A 163 3.49 9.87 -2.77
C VAL A 163 2.34 8.88 -2.93
N SER A 164 1.12 9.42 -3.00
CA SER A 164 -0.08 8.58 -3.16
C SER A 164 -1.08 9.32 -4.06
N ASN A 165 -1.84 8.59 -4.85
CA ASN A 165 -2.90 9.18 -5.65
C ASN A 165 -2.43 10.17 -6.73
N LEU A 166 -1.20 10.01 -7.18
CA LEU A 166 -0.66 10.82 -8.27
C LEU A 166 -0.75 10.06 -9.58
N ASP A 167 -1.37 10.68 -10.57
CA ASP A 167 -1.45 10.10 -11.91
C ASP A 167 -0.15 10.34 -12.69
N THR A 168 -0.06 9.79 -13.91
CA THR A 168 1.17 9.91 -14.69
C THR A 168 1.59 11.37 -14.91
N GLU A 169 0.64 12.26 -15.22
CA GLU A 169 0.96 13.68 -15.37
C GLU A 169 1.57 14.26 -14.07
N ASP A 170 1.01 13.89 -12.93
CA ASP A 170 1.51 14.39 -11.65
C ASP A 170 2.90 13.81 -11.40
N GLN A 172 5.15 12.92 -13.64
CA GLN A 172 6.08 13.67 -14.52
C GLN A 172 6.41 15.04 -13.94
N ALA A 173 5.39 15.76 -13.44
CA ALA A 173 5.62 17.05 -12.74
C ALA A 173 6.52 16.90 -11.52
N LEU A 174 6.31 15.85 -10.75
CA LEU A 174 7.16 15.60 -9.60
C LEU A 174 8.61 15.35 -10.01
N TRP A 175 8.78 14.54 -11.03
CA TRP A 175 10.10 14.17 -11.47
C TRP A 175 10.87 15.37 -11.90
N ARG A 176 10.17 16.32 -12.49
CA ARG A 176 10.74 17.57 -12.90
C ARG A 176 11.24 18.45 -11.78
N THR A 177 10.71 18.29 -10.57
CA THR A 177 11.13 19.14 -9.47
C THR A 177 12.50 18.79 -8.89
N ALA A 178 13.17 19.72 -8.26
CA ALA A 178 14.46 19.42 -7.70
C ALA A 178 14.30 18.37 -6.61
N ASP A 179 15.06 17.29 -6.72
CA ASP A 179 14.97 16.14 -5.80
C ASP A 179 13.71 15.26 -5.90
N GLY A 180 12.82 15.59 -6.83
CA GLY A 180 11.58 14.82 -6.98
C GLY A 180 11.82 13.38 -7.37
N GLU A 181 12.95 13.15 -8.04
CA GLU A 181 13.35 11.80 -8.39
C GLU A 181 13.74 10.94 -7.19
N HIS A 182 13.78 11.48 -5.97
CA HIS A 182 14.00 10.65 -4.78
C HIS A 182 12.71 9.98 -4.31
N CYS A 183 11.60 10.32 -4.94
CA CYS A 183 10.33 9.68 -4.61
C CYS A 183 10.45 8.15 -4.63
N ALA A 184 10.09 7.49 -3.54
CA ALA A 184 10.38 6.07 -3.40
C ALA A 184 9.25 5.15 -3.78
N THR A 185 8.01 5.67 -3.86
CA THR A 185 6.86 4.87 -4.23
C THR A 185 5.72 5.78 -4.58
N ASN A 186 4.76 5.23 -5.31
CA ASN A 186 3.44 5.82 -5.50
C ASN A 186 2.36 4.80 -5.15
N GLN A 187 1.49 5.18 -4.21
CA GLN A 187 0.41 4.34 -3.74
C GLN A 187 -0.91 4.72 -4.40
N VAL A 188 -1.45 3.77 -5.15
CA VAL A 188 -2.66 3.97 -5.98
C VAL A 188 -3.60 2.80 -5.94
N LEU A 189 -4.87 3.05 -6.29
CA LEU A 189 -5.83 2.02 -6.31
C LEU A 189 -5.59 1.02 -7.45
N TYR A 190 -5.56 -0.28 -7.13
CA TYR A 190 -5.37 -1.28 -8.16
C TYR A 190 -5.97 -2.60 -7.75
N HIS A 191 -6.86 -3.15 -8.58
CA HIS A 191 -7.32 -4.53 -8.38
C HIS A 191 -7.87 -5.04 -9.70
N LEU A 192 -8.21 -6.31 -9.76
CA LEU A 192 -8.68 -6.91 -11.05
C LEU A 192 -9.78 -6.15 -11.78
N ALA A 193 -10.73 -5.62 -11.04
CA ALA A 193 -11.80 -4.86 -11.63
C ALA A 193 -11.53 -3.36 -11.76
N SER A 194 -10.32 -2.89 -11.46
CA SER A 194 -9.92 -1.50 -11.72
C SER A 194 -8.45 -1.49 -12.05
N ARG A 195 -8.18 -1.73 -13.32
CA ARG A 195 -6.84 -1.96 -13.87
C ARG A 195 -6.27 -0.80 -14.64
N GLY A 196 -6.86 0.37 -14.52
CA GLY A 196 -6.49 1.50 -15.43
C GLY A 196 -5.03 1.89 -15.38
N ILE A 197 -4.38 1.71 -14.23
CA ILE A 197 -2.99 2.10 -14.14
C ILE A 197 -2.07 1.30 -15.05
N GLU A 198 -2.53 0.15 -15.54
CA GLU A 198 -1.73 -0.64 -16.47
C GLU A 198 -1.44 0.05 -17.82
N TYR A 199 -2.25 1.04 -18.20
CA TYR A 199 -2.06 1.67 -19.52
C TYR A 199 -0.86 2.59 -19.60
N ASP A 200 -0.62 3.34 -18.53
CA ASP A 200 0.28 4.48 -18.54
C ASP A 200 1.15 4.56 -17.27
N LEU A 201 0.50 4.54 -16.10
CA LEU A 201 1.19 4.80 -14.82
C LEU A 201 2.15 3.69 -14.44
N LEU A 202 1.70 2.45 -14.47
CA LEU A 202 2.59 1.35 -14.09
C LEU A 202 3.80 1.31 -15.05
N PRO A 203 3.56 1.39 -16.37
CA PRO A 203 4.75 1.39 -17.24
C PRO A 203 5.71 2.54 -16.92
N TRP A 204 5.18 3.73 -16.65
CA TRP A 204 6.01 4.86 -16.25
C TRP A 204 6.80 4.53 -14.99
N CYS A 205 6.12 3.95 -14.00
CA CYS A 205 6.77 3.62 -12.76
C CYS A 205 7.83 2.58 -13.01
N GLN A 206 7.50 1.60 -13.83
CA GLN A 206 8.39 0.53 -14.19
C GLN A 206 9.62 1.06 -14.87
N GLN A 207 9.47 2.01 -15.76
CA GLN A 207 10.60 2.65 -16.40
C GLN A 207 11.52 3.39 -15.45
N HIS A 208 10.97 3.96 -14.39
CA HIS A 208 11.76 4.76 -13.47
C HIS A 208 12.12 3.96 -12.23
N SER A 209 11.99 2.63 -12.29
CA SER A 209 12.24 1.74 -11.16
C SER A 209 11.55 2.18 -9.87
N LEU A 210 10.31 2.62 -9.99
CA LEU A 210 9.52 3.02 -8.85
C LEU A 210 8.46 1.97 -8.50
N PRO A 211 8.54 1.36 -7.30
CA PRO A 211 7.52 0.39 -6.90
C PRO A 211 6.16 1.06 -6.66
N VAL A 212 5.09 0.37 -6.96
CA VAL A 212 3.76 0.89 -6.75
C VAL A 212 3.16 0.09 -5.58
N ALA A 214 -0.32 -1.00 -4.14
CA ALA A 214 -1.71 -1.19 -4.62
C ALA A 214 -2.67 -1.20 -3.44
N TYR A 215 -3.48 -0.16 -3.35
CA TYR A 215 -4.52 -0.10 -2.31
C TYR A 215 -5.86 -0.55 -2.83
N CYS A 216 -6.80 -0.84 -1.92
CA CYS A 216 -8.02 -1.61 -2.27
C CYS A 216 -7.76 -2.81 -3.20
N PRO A 217 -6.78 -3.66 -2.86
CA PRO A 217 -6.47 -4.78 -3.79
C PRO A 217 -7.52 -5.85 -3.84
N LEU A 218 -8.41 -5.85 -2.86
CA LEU A 218 -9.55 -6.77 -2.84
C LEU A 218 -10.81 -6.03 -3.23
N ALA A 219 -10.68 -4.85 -3.82
CA ALA A 219 -11.82 -3.98 -4.12
C ALA A 219 -12.66 -3.77 -2.84
N GLN A 220 -12.00 -3.68 -1.66
CA GLN A 220 -12.71 -3.64 -0.37
C GLN A 220 -13.62 -4.87 -0.14
N ALA A 221 -13.00 -6.05 -0.27
CA ALA A 221 -13.70 -7.34 -0.26
C ALA A 221 -14.90 -7.29 -1.21
N GLY A 222 -14.67 -6.76 -2.42
CA GLY A 222 -15.63 -6.74 -3.50
C GLY A 222 -16.65 -5.60 -3.51
N ARG A 223 -16.75 -4.86 -2.40
CA ARG A 223 -17.75 -3.77 -2.16
C ARG A 223 -17.62 -2.68 -3.18
N LEU A 224 -16.42 -2.52 -3.73
CA LEU A 224 -16.21 -1.57 -4.81
C LEU A 224 -16.86 -1.94 -6.18
N ARG A 225 -16.74 -3.18 -6.61
CA ARG A 225 -17.29 -3.61 -7.90
C ARG A 225 -18.21 -4.80 -7.67
N ASP A 226 -19.52 -4.57 -7.86
CA ASP A 226 -20.58 -5.59 -7.67
C ASP A 226 -20.35 -6.92 -8.43
N GLY A 227 -20.10 -8.01 -7.71
CA GLY A 227 -19.89 -9.29 -8.35
C GLY A 227 -18.51 -9.81 -8.69
N LEU A 228 -17.48 -9.13 -8.22
CA LEU A 228 -16.15 -9.70 -8.33
C LEU A 228 -16.02 -10.97 -7.50
N PHE A 229 -16.44 -10.88 -6.26
CA PHE A 229 -16.45 -12.02 -5.37
C PHE A 229 -17.48 -13.06 -5.74
N GLN A 230 -18.63 -12.59 -6.19
CA GLN A 230 -19.78 -13.43 -6.50
C GLN A 230 -19.72 -14.06 -7.94
N HIS A 231 -18.54 -14.06 -8.56
CA HIS A 231 -18.32 -14.48 -9.96
C HIS A 231 -17.95 -15.96 -10.11
N SER A 232 -18.77 -16.68 -10.89
CA SER A 232 -18.68 -18.15 -11.03
C SER A 232 -17.33 -18.66 -11.48
N ASP A 233 -16.77 -18.01 -12.47
CA ASP A 233 -15.51 -18.45 -13.06
C ASP A 233 -14.39 -18.19 -12.12
N ILE A 234 -14.49 -17.13 -11.33
CA ILE A 234 -13.45 -16.86 -10.36
C ILE A 234 -13.61 -17.78 -9.18
N ILE A 235 -14.86 -18.04 -8.79
CA ILE A 235 -15.12 -19.00 -7.75
C ILE A 235 -14.59 -20.37 -8.20
N ASN A 236 -14.89 -20.80 -9.41
CA ASN A 236 -14.40 -22.10 -9.91
C ASN A 236 -12.90 -22.15 -9.94
N ALA A 238 -10.72 -20.54 -8.16
CA ALA A 238 -10.11 -20.59 -6.83
C ALA A 238 -10.26 -22.00 -6.21
N ASN A 239 -11.48 -22.52 -6.31
CA ASN A 239 -11.77 -23.91 -5.90
C ASN A 239 -10.85 -24.92 -6.57
N ALA A 240 -10.60 -24.74 -7.86
CA ALA A 240 -9.76 -25.65 -8.61
C ALA A 240 -8.35 -25.79 -7.99
N ARG A 241 -7.85 -24.73 -7.35
CA ARG A 241 -6.56 -24.86 -6.61
C ARG A 241 -6.67 -24.76 -5.11
N GLY A 242 -7.89 -24.86 -4.60
CA GLY A 242 -8.12 -24.88 -3.16
C GLY A 242 -7.74 -23.62 -2.39
N ILE A 243 -7.82 -22.47 -3.07
CA ILE A 243 -7.57 -21.17 -2.45
C ILE A 243 -8.89 -20.43 -2.39
N THR A 244 -8.92 -19.32 -1.69
CA THR A 244 -10.13 -18.52 -1.60
C THR A 244 -10.06 -17.50 -2.71
N VAL A 245 -11.20 -16.91 -3.02
CA VAL A 245 -11.20 -15.85 -4.02
C VAL A 245 -10.30 -14.66 -3.63
N ALA A 246 -10.34 -14.28 -2.35
CA ALA A 246 -9.51 -13.17 -1.91
C ALA A 246 -8.04 -13.46 -2.24
N GLN A 247 -7.61 -14.68 -1.96
CA GLN A 247 -6.23 -15.06 -2.23
C GLN A 247 -5.94 -14.99 -3.71
N LEU A 248 -6.88 -15.48 -4.51
CA LEU A 248 -6.72 -15.40 -5.96
C LEU A 248 -6.58 -13.96 -6.42
N LEU A 249 -7.43 -13.07 -5.91
CA LEU A 249 -7.32 -11.66 -6.28
C LEU A 249 -6.02 -11.00 -5.85
N LEU A 250 -5.49 -11.39 -4.70
CA LEU A 250 -4.23 -10.81 -4.25
C LEU A 250 -3.07 -11.27 -5.07
N ALA A 251 -3.05 -12.56 -5.39
CA ALA A 251 -1.98 -13.12 -6.16
C ALA A 251 -2.02 -12.42 -7.53
N TRP A 252 -3.22 -12.15 -8.03
CA TRP A 252 -3.33 -11.45 -9.30
C TRP A 252 -2.64 -10.08 -9.22
N VAL A 253 -2.88 -9.36 -8.14
CA VAL A 253 -2.32 -7.99 -8.03
C VAL A 253 -0.80 -7.97 -8.06
N ILE A 254 -0.19 -8.98 -7.46
CA ILE A 254 1.27 -9.08 -7.34
C ILE A 254 1.90 -10.02 -8.37
N ARG A 255 1.14 -10.35 -9.42
CA ARG A 255 1.62 -11.31 -10.38
C ARG A 255 2.92 -10.85 -11.07
N HIS A 256 3.10 -9.56 -11.24
CA HIS A 256 4.29 -8.99 -11.86
C HIS A 256 5.10 -8.24 -10.83
N PRO A 257 6.42 -8.12 -11.06
CA PRO A 257 7.25 -7.39 -10.11
C PRO A 257 6.90 -5.91 -10.04
N GLY A 258 7.33 -5.29 -8.95
CA GLY A 258 7.20 -3.89 -8.75
C GLY A 258 5.88 -3.43 -8.15
N VAL A 259 5.06 -4.35 -7.64
CA VAL A 259 3.79 -4.01 -7.06
C VAL A 259 3.65 -4.69 -5.69
N LEU A 260 3.35 -3.86 -4.69
CA LEU A 260 3.26 -4.24 -3.29
C LEU A 260 1.79 -4.01 -2.92
N ALA A 261 1.04 -5.09 -2.71
CA ALA A 261 -0.36 -4.98 -2.31
C ALA A 261 -0.53 -4.81 -0.82
N ILE A 262 -1.45 -3.95 -0.41
CA ILE A 262 -1.64 -3.70 1.03
C ILE A 262 -3.08 -3.96 1.45
N PRO A 263 -3.54 -5.21 1.38
CA PRO A 263 -4.91 -5.48 1.83
C PRO A 263 -5.04 -5.20 3.32
N LYS A 264 -6.18 -4.73 3.75
CA LYS A 264 -6.47 -4.60 5.16
C LYS A 264 -7.22 -5.82 5.66
N ALA A 265 -6.81 -6.36 6.79
CA ALA A 265 -7.54 -7.45 7.43
C ALA A 265 -7.52 -7.35 8.95
N ALA A 266 -8.68 -7.14 9.53
CA ALA A 266 -8.82 -7.17 10.98
C ALA A 266 -9.09 -8.60 11.54
N SER A 267 -9.38 -9.55 10.64
CA SER A 267 -9.63 -10.94 10.99
C SER A 267 -8.35 -11.72 10.84
N ILE A 268 -7.96 -12.47 11.86
CA ILE A 268 -6.75 -13.29 11.81
C ILE A 268 -6.81 -14.34 10.71
N GLU A 269 -7.96 -15.00 10.54
CA GLU A 269 -8.12 -15.96 9.46
C GLU A 269 -7.75 -15.31 8.12
N HIS A 270 -8.22 -14.09 7.92
CA HIS A 270 -7.94 -13.35 6.66
C HIS A 270 -6.45 -12.99 6.51
N VAL A 271 -5.82 -12.48 7.56
CA VAL A 271 -4.38 -12.16 7.47
C VAL A 271 -3.55 -13.39 7.05
N VAL A 272 -3.88 -14.53 7.65
CA VAL A 272 -3.16 -15.79 7.42
C VAL A 272 -3.34 -16.23 5.98
N GLN A 273 -4.57 -16.10 5.46
CA GLN A 273 -4.81 -16.28 4.02
C GLN A 273 -4.00 -15.37 3.16
N ASN A 274 -3.92 -14.11 3.56
CA ASN A 274 -3.33 -13.10 2.72
C ASN A 274 -1.82 -13.34 2.60
N ALA A 275 -1.21 -13.75 3.71
CA ALA A 275 0.22 -14.06 3.71
C ALA A 275 0.45 -15.23 2.81
N ALA A 276 -0.43 -16.21 2.91
CA ALA A 276 -0.30 -17.42 2.08
C ALA A 276 -0.45 -17.15 0.59
N ALA A 277 -1.05 -16.03 0.22
CA ALA A 277 -1.16 -15.70 -1.20
C ALA A 277 0.22 -15.40 -1.82
N LEU A 278 1.24 -15.11 -1.00
CA LEU A 278 2.61 -15.01 -1.50
C LEU A 278 3.15 -16.32 -2.15
N ASP A 279 2.52 -17.44 -1.80
CA ASP A 279 2.96 -18.73 -2.30
C ASP A 279 2.24 -19.14 -3.59
N ILE A 280 1.31 -18.34 -4.07
CA ILE A 280 0.55 -18.73 -5.23
C ILE A 280 1.26 -18.32 -6.50
N VAL A 281 1.28 -19.22 -7.47
CA VAL A 281 1.79 -18.89 -8.80
C VAL A 281 0.64 -19.10 -9.78
N LEU A 282 0.14 -18.03 -10.38
CA LEU A 282 -0.94 -18.17 -11.36
C LEU A 282 -0.36 -18.58 -12.72
N SER A 283 -0.99 -19.52 -13.39
CA SER A 283 -0.54 -19.92 -14.71
C SER A 283 -0.91 -18.90 -15.76
N GLY A 284 -0.32 -19.01 -16.96
CA GLY A 284 -0.71 -18.20 -18.10
C GLY A 284 -2.16 -18.44 -18.48
N GLU A 285 -2.57 -19.69 -18.38
CA GLU A 285 -3.95 -20.09 -18.72
C GLU A 285 -4.88 -19.33 -17.79
N GLU A 286 -4.56 -19.35 -16.51
CA GLU A 286 -5.37 -18.66 -15.54
C GLU A 286 -5.40 -17.16 -15.77
N LEU A 287 -4.23 -16.56 -16.01
CA LEU A 287 -4.14 -15.13 -16.27
C LEU A 287 -4.86 -14.70 -17.53
N ALA A 288 -4.86 -15.58 -18.54
CA ALA A 288 -5.62 -15.32 -19.77
C ALA A 288 -7.12 -15.34 -19.49
N GLN A 289 -7.58 -16.28 -18.65
CA GLN A 289 -9.00 -16.40 -18.32
C GLN A 289 -9.42 -15.14 -17.62
N LEU A 290 -8.57 -14.66 -16.72
CA LEU A 290 -8.90 -13.49 -15.93
C LEU A 290 -9.00 -12.25 -16.82
N ASP A 291 -8.13 -12.15 -17.83
CA ASP A 291 -8.20 -11.04 -18.80
C ASP A 291 -9.44 -11.04 -19.65
N ARG A 292 -9.94 -12.23 -19.94
CA ARG A 292 -11.18 -12.31 -20.68
C ARG A 292 -12.35 -11.85 -19.82
N LEU A 293 -12.29 -12.09 -18.50
CA LEU A 293 -13.32 -11.64 -17.58
C LEU A 293 -13.28 -10.13 -17.26
N TYR A 294 -12.05 -9.60 -17.10
CA TYR A 294 -11.84 -8.17 -16.84
C TYR A 294 -10.68 -7.68 -17.68
N PRO A 295 -10.97 -7.19 -18.89
CA PRO A 295 -9.87 -6.96 -19.83
C PRO A 295 -8.98 -5.81 -19.40
N PRO A 296 -7.73 -5.82 -19.85
CA PRO A 296 -6.86 -4.71 -19.52
C PRO A 296 -7.31 -3.47 -20.28
N PRO A 297 -6.88 -2.27 -19.85
CA PRO A 297 -7.33 -1.04 -20.47
C PRO A 297 -6.71 -0.86 -21.83
N GLN A 298 -7.48 -0.39 -22.77
CA GLN A 298 -7.00 -0.07 -24.12
C GLN A 298 -6.93 1.44 -24.37
N ARG A 299 -6.97 2.22 -23.30
CA ARG A 299 -6.78 3.65 -23.36
C ARG A 299 -6.50 4.23 -21.97
N LYS A 300 -6.04 5.46 -21.97
CA LYS A 300 -5.97 6.26 -20.78
C LYS A 300 -7.32 6.37 -20.05
N ASN A 301 -7.26 6.16 -18.75
CA ASN A 301 -8.39 6.11 -17.84
C ASN A 301 -8.03 7.15 -16.74
N ARG A 302 -9.02 7.87 -16.24
CA ARG A 302 -8.80 8.73 -15.10
C ARG A 302 -8.38 7.84 -13.95
N LEU A 303 -7.45 8.31 -13.14
CA LEU A 303 -6.99 7.53 -11.98
C LEU A 303 -8.13 7.22 -11.02
N ASP A 304 -8.43 5.94 -10.85
CA ASP A 304 -9.44 5.52 -9.89
C ASP A 304 -8.87 5.82 -8.49
N VAL A 306 -10.35 6.10 -4.16
CA VAL A 306 -11.49 6.00 -3.26
C VAL A 306 -10.87 5.70 -1.91
#